data_4FXX
#
_entry.id   4FXX
#
_cell.length_a   96.030
_cell.length_b   37.970
_cell.length_c   144.680
_cell.angle_alpha   90.000
_cell.angle_beta   107.380
_cell.angle_gamma   90.000
#
_symmetry.space_group_name_H-M   'C 1 2 1'
#
loop_
_entity.id
_entity.type
_entity.pdbx_description
1 polymer 'Splicing factor 1'
2 non-polymer IMIDAZOLE
3 non-polymer 'MALONATE ION'
4 water water
#
_entity_poly.entity_id   1
_entity_poly.type   'polypeptide(L)'
_entity_poly.pdbx_seq_one_letter_code
;GPLGSTMEQKTVIPGMPTVIPPGLTREQERAYIVQLQIEDLTRKLRTGDLGIPPNPEDRSPSPEPIYNSEGKRLNTREFR
TRKKLEEERHNLITEMVALNPDFKPPADYKPP
;
_entity_poly.pdbx_strand_id   A,B,C,D
#
loop_
_chem_comp.id
_chem_comp.type
_chem_comp.name
_chem_comp.formula
IMD non-polymer IMIDAZOLE 'C3 H5 N2 1'
MLI non-polymer 'MALONATE ION' 'C3 H2 O4 -2'
#
# COMPACT_ATOMS: atom_id res chain seq x y z
N ILE A 13 16.05 9.91 -24.52
CA ILE A 13 14.79 10.37 -25.08
C ILE A 13 14.07 11.33 -24.13
N PRO A 14 13.88 12.58 -24.57
CA PRO A 14 13.25 13.64 -23.77
C PRO A 14 11.77 13.42 -23.51
N GLY A 15 11.13 12.56 -24.31
CA GLY A 15 9.73 12.23 -24.10
C GLY A 15 8.78 12.81 -25.14
N MET A 16 7.53 12.34 -25.11
CA MET A 16 6.51 12.79 -26.03
C MET A 16 6.13 14.26 -25.82
N PRO A 17 6.14 15.04 -26.90
CA PRO A 17 5.76 16.45 -26.91
C PRO A 17 4.24 16.66 -26.92
N THR A 18 3.80 17.85 -26.49
CA THR A 18 2.40 18.24 -26.58
C THR A 18 2.19 19.09 -27.83
N VAL A 19 1.24 18.69 -28.67
CA VAL A 19 1.07 19.32 -29.97
C VAL A 19 -0.17 20.20 -30.09
N ILE A 20 0.04 21.50 -30.29
CA ILE A 20 -1.05 22.43 -30.55
C ILE A 20 -1.45 22.37 -32.02
N PRO A 21 -2.68 21.94 -32.31
CA PRO A 21 -3.21 21.84 -33.67
C PRO A 21 -3.07 23.15 -34.45
N PRO A 22 -2.70 23.06 -35.74
CA PRO A 22 -2.49 24.22 -36.62
C PRO A 22 -3.79 24.88 -37.06
N GLY A 23 -3.69 26.11 -37.57
CA GLY A 23 -4.85 26.79 -38.11
C GLY A 23 -5.60 27.61 -37.09
N LEU A 24 -5.21 27.50 -35.83
CA LEU A 24 -5.84 28.26 -34.76
C LEU A 24 -5.31 29.69 -34.71
N THR A 25 -6.12 30.61 -34.21
CA THR A 25 -5.66 31.97 -33.98
C THR A 25 -4.83 32.01 -32.72
N ARG A 26 -4.29 33.18 -32.38
CA ARG A 26 -3.45 33.29 -31.20
C ARG A 26 -4.25 33.10 -29.91
N GLU A 27 -5.44 33.69 -29.86
CA GLU A 27 -6.31 33.53 -28.71
C GLU A 27 -6.72 32.07 -28.53
N GLN A 28 -7.22 31.46 -29.62
CA GLN A 28 -7.64 30.07 -29.58
C GLN A 28 -6.48 29.17 -29.21
N GLU A 29 -5.27 29.64 -29.47
CA GLU A 29 -4.06 28.85 -29.25
C GLU A 29 -3.71 28.78 -27.77
N ARG A 30 -3.92 29.89 -27.06
CA ARG A 30 -3.74 29.89 -25.61
C ARG A 30 -4.90 29.17 -24.93
N ALA A 31 -6.07 29.21 -25.56
CA ALA A 31 -7.26 28.55 -25.05
C ALA A 31 -7.11 27.02 -25.09
N TYR A 32 -6.60 26.52 -26.20
CA TYR A 32 -6.38 25.09 -26.38
C TYR A 32 -5.50 24.50 -25.27
N ILE A 33 -4.34 25.10 -25.05
CA ILE A 33 -3.39 24.58 -24.06
C ILE A 33 -3.93 24.67 -22.64
N VAL A 34 -4.67 25.75 -22.34
CA VAL A 34 -5.27 25.92 -21.02
C VAL A 34 -6.40 24.91 -20.82
N GLN A 35 -7.16 24.64 -21.88
CA GLN A 35 -8.24 23.68 -21.79
C GLN A 35 -7.70 22.26 -21.67
N LEU A 36 -6.54 22.03 -22.28
CA LEU A 36 -5.91 20.71 -22.24
C LEU A 36 -5.33 20.43 -20.86
N GLN A 37 -4.87 21.49 -20.20
CA GLN A 37 -4.31 21.35 -18.86
C GLN A 37 -5.44 21.14 -17.83
N ILE A 38 -6.55 21.83 -18.02
CA ILE A 38 -7.71 21.65 -17.15
C ILE A 38 -8.20 20.22 -17.22
N GLU A 39 -8.30 19.65 -18.40
CA GLU A 39 -8.72 18.30 -18.52
C GLU A 39 -7.74 17.40 -17.89
N ASP A 40 -6.51 17.81 -17.91
CA ASP A 40 -5.44 16.99 -17.35
C ASP A 40 -5.43 17.02 -15.83
N LEU A 41 -5.65 18.20 -15.24
CA LEU A 41 -5.72 18.32 -13.80
C LEU A 41 -6.94 17.57 -13.27
N THR A 42 -8.05 17.64 -14.00
CA THR A 42 -9.28 16.98 -13.60
C THR A 42 -9.10 15.47 -13.61
N ARG A 43 -8.39 14.98 -14.62
CA ARG A 43 -8.15 13.54 -14.75
C ARG A 43 -7.36 12.99 -13.56
N LYS A 44 -6.42 13.77 -13.05
CA LYS A 44 -5.59 13.36 -11.93
C LYS A 44 -6.37 13.34 -10.62
N LEU A 45 -7.28 14.30 -10.48
CA LEU A 45 -8.12 14.38 -9.28
C LEU A 45 -9.16 13.29 -9.29
N ARG A 46 -9.58 12.89 -10.49
CA ARG A 46 -10.62 11.88 -10.66
C ARG A 46 -10.05 10.47 -10.69
N THR A 47 -8.74 10.36 -10.85
CA THR A 47 -8.11 9.05 -11.04
C THR A 47 -6.69 8.97 -10.49
N GLY A 48 -6.34 7.80 -9.95
CA GLY A 48 -5.00 7.56 -9.46
C GLY A 48 -4.80 7.98 -8.03
N ASP A 49 -3.89 7.31 -7.34
CA ASP A 49 -3.55 7.68 -5.97
C ASP A 49 -2.47 8.75 -5.99
N LEU A 50 -2.77 9.92 -5.46
CA LEU A 50 -1.84 11.04 -5.46
C LEU A 50 -0.85 10.94 -4.31
N GLY A 51 -1.00 9.91 -3.49
CA GLY A 51 -0.06 9.64 -2.42
C GLY A 51 1.26 9.16 -2.99
N ILE A 52 1.20 8.60 -4.19
CA ILE A 52 2.39 8.15 -4.90
C ILE A 52 3.37 9.32 -5.02
N PRO A 53 4.66 9.04 -5.00
CA PRO A 53 5.68 10.08 -5.18
C PRO A 53 5.44 10.86 -6.45
N PRO A 54 6.06 12.05 -6.59
CA PRO A 54 5.79 13.00 -7.67
C PRO A 54 5.56 12.33 -9.02
N PRO A 61 11.41 19.01 0.45
CA PRO A 61 10.21 18.38 -0.14
C PRO A 61 9.19 18.00 0.92
N SER A 62 9.66 17.66 2.12
CA SER A 62 8.78 17.25 3.20
C SER A 62 8.82 18.24 4.36
N PRO A 63 7.71 18.96 4.57
CA PRO A 63 7.58 19.93 5.67
C PRO A 63 7.25 19.22 6.99
N GLU A 64 7.11 19.99 8.06
CA GLU A 64 6.80 19.44 9.37
C GLU A 64 5.39 18.83 9.38
N PRO A 65 5.24 17.68 10.02
CA PRO A 65 3.95 16.97 10.08
C PRO A 65 2.90 17.76 10.85
N ILE A 66 1.63 17.56 10.49
CA ILE A 66 0.52 18.24 11.15
C ILE A 66 -0.58 17.23 11.49
N TYR A 67 -1.21 17.39 12.65
CA TYR A 67 -2.15 16.37 13.13
C TYR A 67 -3.48 16.95 13.64
N ASN A 68 -4.50 16.09 13.67
CA ASN A 68 -5.74 16.40 14.39
C ASN A 68 -5.63 15.93 15.84
N SER A 69 -6.74 15.97 16.57
CA SER A 69 -6.73 15.62 17.99
C SER A 69 -6.51 14.13 18.24
N GLU A 70 -6.68 13.32 17.20
CA GLU A 70 -6.51 11.87 17.32
C GLU A 70 -5.12 11.43 16.92
N GLY A 71 -4.30 12.38 16.53
CA GLY A 71 -2.96 12.10 16.10
C GLY A 71 -2.91 11.69 14.65
N LYS A 72 -4.03 11.80 13.97
CA LYS A 72 -4.05 11.49 12.56
C LYS A 72 -3.42 12.64 11.79
N ARG A 73 -2.51 12.31 10.91
CA ARG A 73 -1.80 13.34 10.18
C ARG A 73 -2.67 13.99 9.16
N LEU A 74 -2.67 15.32 9.16
CA LEU A 74 -3.53 16.04 8.23
C LEU A 74 -2.85 16.36 6.89
N ASN A 75 -1.57 16.73 6.94
CA ASN A 75 -0.85 17.06 5.72
C ASN A 75 0.07 15.93 5.26
N THR A 76 -0.31 15.29 4.17
CA THR A 76 0.49 14.22 3.60
C THR A 76 0.80 14.57 2.14
N ARG A 77 1.57 13.72 1.48
CA ARG A 77 1.84 13.91 0.07
C ARG A 77 0.50 13.91 -0.66
N GLU A 78 -0.32 12.93 -0.32
CA GLU A 78 -1.63 12.77 -0.94
C GLU A 78 -2.51 14.00 -0.73
N PHE A 79 -2.47 14.56 0.47
CA PHE A 79 -3.28 15.73 0.80
C PHE A 79 -2.76 17.01 0.17
N ARG A 80 -1.46 17.26 0.33
CA ARG A 80 -0.85 18.48 -0.20
C ARG A 80 -0.93 18.53 -1.71
N THR A 81 -0.65 17.40 -2.35
CA THR A 81 -0.67 17.31 -3.80
C THR A 81 -2.07 17.60 -4.34
N ARG A 82 -3.06 16.91 -3.79
CA ARG A 82 -4.45 17.08 -4.20
C ARG A 82 -4.90 18.53 -4.00
N LYS A 83 -4.61 19.08 -2.83
CA LYS A 83 -4.92 20.47 -2.55
C LYS A 83 -4.26 21.38 -3.58
N LYS A 84 -3.06 21.03 -4.00
CA LYS A 84 -2.31 21.81 -4.96
C LYS A 84 -2.86 21.74 -6.36
N LEU A 85 -3.19 20.55 -6.80
CA LEU A 85 -3.80 20.40 -8.11
C LEU A 85 -5.16 21.10 -8.17
N GLU A 86 -5.96 20.94 -7.13
CA GLU A 86 -7.26 21.61 -7.03
C GLU A 86 -7.09 23.12 -7.18
N GLU A 87 -6.04 23.65 -6.58
CA GLU A 87 -5.75 25.07 -6.65
C GLU A 87 -5.40 25.47 -8.08
N GLU A 88 -4.49 24.69 -8.68
CA GLU A 88 -4.04 24.98 -10.04
C GLU A 88 -5.20 24.91 -11.02
N ARG A 89 -6.06 23.91 -10.86
CA ARG A 89 -7.22 23.76 -11.73
C ARG A 89 -8.14 24.96 -11.61
N HIS A 90 -8.28 25.47 -10.39
CA HIS A 90 -9.13 26.64 -10.15
C HIS A 90 -8.58 27.89 -10.82
N ASN A 91 -7.26 28.08 -10.73
CA ASN A 91 -6.62 29.23 -11.36
C ASN A 91 -6.71 29.16 -12.88
N LEU A 92 -6.50 27.97 -13.42
CA LEU A 92 -6.61 27.77 -14.86
C LEU A 92 -8.02 28.12 -15.35
N ILE A 93 -9.03 27.70 -14.60
CA ILE A 93 -10.40 27.99 -14.97
C ILE A 93 -10.67 29.49 -14.95
N THR A 94 -10.04 30.18 -14.01
CA THR A 94 -10.11 31.62 -13.93
C THR A 94 -9.43 32.28 -15.10
N GLU A 95 -8.27 31.78 -15.50
CA GLU A 95 -7.54 32.28 -16.65
C GLU A 95 -8.35 32.08 -17.93
N MET A 96 -8.99 30.92 -18.05
CA MET A 96 -9.80 30.61 -19.23
C MET A 96 -10.95 31.59 -19.40
N VAL A 97 -11.56 32.00 -18.31
CA VAL A 97 -12.65 32.91 -18.35
C VAL A 97 -12.26 34.28 -18.82
N ALA A 98 -11.07 34.72 -18.47
CA ALA A 98 -10.53 35.98 -18.96
C ALA A 98 -10.18 35.88 -20.45
N LEU A 99 -9.77 34.69 -20.86
CA LEU A 99 -9.39 34.44 -22.25
C LEU A 99 -10.60 34.18 -23.16
N ASN A 100 -11.62 33.52 -22.62
CA ASN A 100 -12.77 33.12 -23.41
C ASN A 100 -14.11 33.48 -22.76
N PRO A 101 -14.63 34.68 -23.07
CA PRO A 101 -15.90 35.15 -22.52
C PRO A 101 -17.06 34.16 -22.75
N ASP A 102 -16.99 33.38 -23.82
CA ASP A 102 -18.06 32.42 -24.13
C ASP A 102 -17.92 31.11 -23.38
N PHE A 103 -16.80 30.94 -22.66
CA PHE A 103 -16.57 29.73 -21.88
C PHE A 103 -17.32 29.78 -20.56
N LYS A 104 -17.97 28.67 -20.21
CA LYS A 104 -18.68 28.55 -18.95
C LYS A 104 -17.99 27.55 -18.03
N PRO A 105 -17.56 28.01 -16.85
CA PRO A 105 -16.87 27.18 -15.86
C PRO A 105 -17.73 26.00 -15.42
N PRO A 106 -17.09 24.91 -14.96
CA PRO A 106 -17.82 23.75 -14.45
C PRO A 106 -18.65 24.09 -13.22
N ALA A 107 -19.65 23.27 -12.92
CA ALA A 107 -20.56 23.54 -11.82
C ALA A 107 -19.86 23.68 -10.47
N ASP A 108 -18.78 22.92 -10.28
CA ASP A 108 -18.06 22.92 -9.01
C ASP A 108 -17.22 24.17 -8.82
N TYR A 109 -17.06 24.95 -9.89
CA TYR A 109 -16.23 26.15 -9.84
C TYR A 109 -16.85 27.24 -8.97
N LYS A 110 -16.04 27.94 -8.19
CA LYS A 110 -16.56 29.06 -7.42
C LYS A 110 -15.70 30.32 -7.56
N PRO A 111 -16.05 31.18 -8.50
CA PRO A 111 -15.23 32.35 -8.81
C PRO A 111 -15.05 33.22 -7.58
N MET B 16 -16.88 16.01 -16.04
CA MET B 16 -17.82 17.03 -16.36
C MET B 16 -18.22 16.94 -17.83
N PRO B 17 -18.84 17.97 -18.35
CA PRO B 17 -19.05 18.02 -19.79
C PRO B 17 -17.72 18.26 -20.46
N THR B 18 -17.52 17.73 -21.65
CA THR B 18 -16.26 17.93 -22.31
C THR B 18 -16.33 19.15 -23.19
N VAL B 19 -15.61 20.18 -22.80
CA VAL B 19 -15.62 21.42 -23.56
C VAL B 19 -14.54 21.36 -24.63
N ILE B 20 -14.97 21.38 -25.88
CA ILE B 20 -14.05 21.32 -27.00
C ILE B 20 -13.53 22.72 -27.31
N PRO B 21 -12.21 22.87 -27.37
CA PRO B 21 -11.59 24.16 -27.64
C PRO B 21 -12.01 24.69 -29.02
N PRO B 22 -12.37 25.97 -29.10
CA PRO B 22 -12.86 26.61 -30.32
C PRO B 22 -11.78 26.78 -31.38
N GLY B 23 -12.19 26.97 -32.63
CA GLY B 23 -11.25 27.14 -33.72
C GLY B 23 -10.85 25.83 -34.37
N LEU B 24 -11.21 24.72 -33.73
CA LEU B 24 -10.88 23.40 -34.24
C LEU B 24 -11.72 23.02 -35.44
N THR B 25 -11.08 22.39 -36.43
CA THR B 25 -11.81 21.81 -37.55
C THR B 25 -12.49 20.54 -37.08
N ARG B 26 -13.51 20.10 -37.82
CA ARG B 26 -14.23 18.88 -37.48
C ARG B 26 -13.27 17.72 -37.21
N GLU B 27 -12.30 17.54 -38.10
CA GLU B 27 -11.29 16.50 -37.94
C GLU B 27 -10.48 16.67 -36.65
N GLN B 28 -10.13 17.91 -36.31
CA GLN B 28 -9.32 18.17 -35.12
C GLN B 28 -10.13 17.96 -33.84
N GLU B 29 -11.43 18.20 -33.91
CA GLU B 29 -12.32 17.97 -32.78
C GLU B 29 -12.31 16.49 -32.42
N ARG B 30 -12.57 15.64 -33.42
CA ARG B 30 -12.54 14.20 -33.21
C ARG B 30 -11.17 13.76 -32.68
N ALA B 31 -10.11 14.30 -33.25
CA ALA B 31 -8.76 13.99 -32.78
C ALA B 31 -8.59 14.36 -31.31
N TYR B 32 -9.15 15.50 -30.93
CA TYR B 32 -9.08 15.99 -29.55
C TYR B 32 -9.78 15.02 -28.59
N ILE B 33 -10.99 14.60 -28.96
CA ILE B 33 -11.74 13.68 -28.11
C ILE B 33 -10.99 12.36 -27.92
N VAL B 34 -10.49 11.80 -29.01
CA VAL B 34 -9.77 10.54 -28.96
C VAL B 34 -8.52 10.66 -28.10
N GLN B 35 -7.86 11.81 -28.22
CA GLN B 35 -6.61 12.06 -27.49
C GLN B 35 -6.84 12.05 -25.98
N LEU B 36 -7.90 12.72 -25.54
CA LEU B 36 -8.26 12.75 -24.14
C LEU B 36 -8.63 11.36 -23.65
N GLN B 37 -9.18 10.55 -24.54
CA GLN B 37 -9.56 9.19 -24.17
C GLN B 37 -8.32 8.29 -24.07
N ILE B 38 -7.33 8.54 -24.91
CA ILE B 38 -6.05 7.83 -24.82
C ILE B 38 -5.30 8.24 -23.56
N GLU B 39 -5.39 9.52 -23.20
CA GLU B 39 -4.73 10.03 -22.01
C GLU B 39 -5.38 9.48 -20.74
N ASP B 40 -6.70 9.43 -20.74
CA ASP B 40 -7.44 8.91 -19.60
C ASP B 40 -7.15 7.42 -19.41
N LEU B 41 -7.22 6.67 -20.50
CA LEU B 41 -6.95 5.23 -20.46
C LEU B 41 -5.53 4.96 -19.99
N THR B 42 -4.60 5.81 -20.40
CA THR B 42 -3.21 5.67 -20.00
C THR B 42 -3.02 5.93 -18.51
N ARG B 43 -3.70 6.96 -18.01
CA ARG B 43 -3.64 7.32 -16.61
C ARG B 43 -4.05 6.14 -15.73
N LYS B 44 -5.08 5.43 -16.16
CA LYS B 44 -5.58 4.27 -15.43
C LYS B 44 -4.53 3.17 -15.34
N LEU B 45 -3.99 2.79 -16.49
CA LEU B 45 -3.00 1.72 -16.57
C LEU B 45 -1.75 2.07 -15.76
N ARG B 46 -1.26 3.29 -15.95
CA ARG B 46 -0.08 3.75 -15.24
C ARG B 46 -0.25 3.67 -13.73
N THR B 47 -1.13 4.51 -13.18
CA THR B 47 -1.35 4.54 -11.74
C THR B 47 -1.76 3.16 -11.24
N GLY B 48 -2.46 2.42 -12.08
CA GLY B 48 -2.92 1.11 -11.72
C GLY B 48 -4.33 1.13 -11.19
N ASP B 49 -4.92 2.30 -11.12
CA ASP B 49 -6.28 2.42 -10.62
C ASP B 49 -7.28 2.26 -11.74
N LEU B 50 -7.91 1.10 -11.81
CA LEU B 50 -8.78 0.75 -12.93
C LEU B 50 -10.23 1.09 -12.67
N GLY B 51 -10.52 1.60 -11.48
CA GLY B 51 -11.86 2.02 -11.14
C GLY B 51 -12.91 0.95 -11.23
N ILE B 52 -12.60 -0.22 -10.71
CA ILE B 52 -13.55 -1.32 -10.68
C ILE B 52 -14.56 -1.14 -9.55
N PRO B 63 -16.38 -14.71 -15.16
CA PRO B 63 -16.83 -15.94 -15.84
C PRO B 63 -16.09 -17.16 -15.32
N GLU B 64 -15.85 -18.14 -16.20
CA GLU B 64 -15.19 -19.37 -15.82
C GLU B 64 -13.74 -19.12 -15.39
N PRO B 65 -13.36 -19.64 -14.22
CA PRO B 65 -12.00 -19.49 -13.68
C PRO B 65 -10.95 -20.19 -14.54
N ILE B 66 -9.79 -19.56 -14.67
CA ILE B 66 -8.69 -20.13 -15.44
C ILE B 66 -7.42 -20.10 -14.59
N TYR B 67 -6.64 -21.16 -14.65
CA TYR B 67 -5.46 -21.28 -13.78
C TYR B 67 -4.19 -21.67 -14.53
N ASN B 68 -3.04 -21.34 -13.95
CA ASN B 68 -1.75 -21.72 -14.51
C ASN B 68 -1.28 -23.07 -13.97
N SER B 69 0.00 -23.38 -14.14
CA SER B 69 0.50 -24.69 -13.75
C SER B 69 0.31 -24.98 -12.29
N GLU B 70 0.45 -23.97 -11.44
CA GLU B 70 0.45 -24.20 -10.01
C GLU B 70 -0.54 -23.38 -9.24
N GLY B 71 -1.79 -23.82 -9.20
CA GLY B 71 -2.77 -23.13 -8.39
C GLY B 71 -3.29 -21.81 -8.89
N LYS B 72 -2.38 -20.91 -9.27
CA LYS B 72 -2.73 -19.53 -9.57
C LYS B 72 -3.71 -19.30 -10.68
N ARG B 73 -4.63 -18.39 -10.44
CA ARG B 73 -5.64 -18.02 -11.39
C ARG B 73 -5.25 -16.75 -12.18
N LEU B 74 -4.96 -16.90 -13.47
CA LEU B 74 -4.45 -15.84 -14.34
C LEU B 74 -5.55 -14.86 -14.79
N ASN B 75 -6.79 -15.31 -14.86
CA ASN B 75 -7.84 -14.51 -15.44
C ASN B 75 -8.72 -13.83 -14.45
N THR B 76 -8.13 -13.42 -13.36
CA THR B 76 -8.77 -12.60 -12.34
C THR B 76 -9.22 -11.27 -12.92
N ARG B 77 -10.38 -10.81 -12.48
CA ARG B 77 -11.06 -9.66 -13.05
C ARG B 77 -10.16 -8.43 -13.22
N GLU B 78 -9.14 -8.31 -12.38
CA GLU B 78 -8.18 -7.21 -12.50
CA GLU B 78 -8.18 -7.22 -12.50
C GLU B 78 -7.39 -7.38 -13.79
N PHE B 79 -7.10 -8.62 -14.15
CA PHE B 79 -6.37 -8.94 -15.36
C PHE B 79 -7.22 -8.68 -16.60
N ARG B 80 -8.47 -9.13 -16.56
CA ARG B 80 -9.38 -8.98 -17.68
C ARG B 80 -9.71 -7.52 -17.94
N THR B 81 -9.81 -6.73 -16.87
CA THR B 81 -10.10 -5.32 -16.98
C THR B 81 -8.91 -4.58 -17.60
N ARG B 82 -7.72 -4.84 -17.09
CA ARG B 82 -6.50 -4.22 -17.61
C ARG B 82 -6.27 -4.55 -19.07
N LYS B 83 -6.49 -5.81 -19.43
CA LYS B 83 -6.31 -6.25 -20.81
C LYS B 83 -7.36 -5.60 -21.70
N LYS B 84 -8.56 -5.42 -21.18
CA LYS B 84 -9.63 -4.77 -21.90
C LYS B 84 -9.26 -3.34 -22.19
N LEU B 85 -8.67 -2.67 -21.21
CA LEU B 85 -8.26 -1.28 -21.38
C LEU B 85 -7.15 -1.16 -22.40
N GLU B 86 -6.21 -2.10 -22.38
CA GLU B 86 -5.10 -2.10 -23.33
C GLU B 86 -5.62 -2.19 -24.76
N GLU B 87 -6.59 -3.08 -24.98
CA GLU B 87 -7.17 -3.24 -26.30
C GLU B 87 -7.88 -1.96 -26.74
N GLU B 88 -8.59 -1.34 -25.81
CA GLU B 88 -9.31 -0.11 -26.10
C GLU B 88 -8.34 1.03 -26.42
N ARG B 89 -7.21 1.06 -25.72
CA ARG B 89 -6.20 2.08 -25.95
C ARG B 89 -5.52 1.90 -27.30
N HIS B 90 -5.16 0.65 -27.62
CA HIS B 90 -4.50 0.34 -28.88
C HIS B 90 -5.36 0.74 -30.08
N ASN B 91 -6.67 0.54 -29.96
CA ASN B 91 -7.59 0.85 -31.05
C ASN B 91 -7.81 2.35 -31.21
N LEU B 92 -7.82 3.08 -30.11
CA LEU B 92 -7.95 4.53 -30.16
C LEU B 92 -6.73 5.16 -30.81
N ILE B 93 -5.56 4.63 -30.47
CA ILE B 93 -4.32 5.10 -31.08
C ILE B 93 -4.37 4.89 -32.60
N THR B 94 -5.03 3.82 -33.03
CA THR B 94 -5.19 3.52 -34.44
C THR B 94 -6.07 4.56 -35.13
N GLU B 95 -7.18 4.93 -34.49
CA GLU B 95 -8.06 5.96 -35.03
C GLU B 95 -7.34 7.31 -35.08
N MET B 96 -6.59 7.60 -34.02
CA MET B 96 -5.82 8.83 -33.95
C MET B 96 -4.87 8.98 -35.13
N VAL B 97 -4.16 7.90 -35.43
CA VAL B 97 -3.22 7.88 -36.54
C VAL B 97 -3.90 8.23 -37.86
N ALA B 98 -5.15 7.79 -38.02
CA ALA B 98 -5.89 7.99 -39.26
C ALA B 98 -6.33 9.44 -39.47
N LEU B 99 -6.99 9.98 -38.48
CA LEU B 99 -7.53 11.32 -38.56
C LEU B 99 -6.62 12.44 -38.06
N ASN B 100 -5.46 12.10 -37.52
CA ASN B 100 -4.57 13.15 -37.07
C ASN B 100 -3.15 13.02 -37.60
N PRO B 101 -2.78 13.96 -38.46
CA PRO B 101 -1.43 14.05 -38.99
C PRO B 101 -0.61 14.72 -37.93
N ASP B 102 0.71 14.63 -37.96
CA ASP B 102 1.44 15.29 -36.91
C ASP B 102 1.35 14.56 -35.59
N PHE B 103 0.75 13.37 -35.62
CA PHE B 103 0.68 12.48 -34.47
C PHE B 103 1.53 11.27 -34.65
N LYS B 104 2.51 11.10 -33.77
CA LYS B 104 3.35 9.92 -33.82
C LYS B 104 3.15 9.00 -32.61
N PRO B 105 2.67 7.80 -32.89
CA PRO B 105 2.48 6.80 -31.87
C PRO B 105 3.80 6.47 -31.23
N PRO B 106 3.76 5.93 -30.02
CA PRO B 106 4.97 5.62 -29.28
C PRO B 106 5.59 4.35 -29.81
N ALA B 107 6.68 3.93 -29.20
CA ALA B 107 7.35 2.72 -29.61
C ALA B 107 6.47 1.53 -29.29
N ASP B 108 5.53 1.73 -28.38
CA ASP B 108 4.63 0.67 -27.94
C ASP B 108 3.60 0.27 -29.00
N TYR B 109 3.22 1.18 -29.87
CA TYR B 109 2.20 0.88 -30.85
C TYR B 109 2.69 -0.10 -31.89
N LYS B 110 1.89 -1.14 -32.11
CA LYS B 110 2.15 -2.10 -33.16
C LYS B 110 0.87 -2.38 -33.93
N PRO B 111 0.83 -1.95 -35.17
CA PRO B 111 -0.36 -2.13 -36.02
C PRO B 111 -0.39 -3.55 -36.62
N ILE C 13 9.15 -43.99 -3.70
CA ILE C 13 8.16 -42.94 -3.92
C ILE C 13 8.02 -42.00 -2.72
N PRO C 14 7.92 -42.54 -1.52
CA PRO C 14 7.70 -41.72 -0.35
C PRO C 14 8.94 -40.95 0.13
N GLY C 15 10.10 -41.45 -0.21
CA GLY C 15 11.35 -40.77 0.09
C GLY C 15 12.14 -41.35 1.25
N MET C 16 13.30 -40.79 1.50
CA MET C 16 14.24 -41.34 2.45
C MET C 16 14.15 -40.72 3.85
N PRO C 17 14.11 -41.57 4.87
CA PRO C 17 13.93 -41.19 6.25
C PRO C 17 15.02 -40.34 6.84
N THR C 18 14.65 -39.51 7.82
CA THR C 18 15.63 -38.82 8.64
C THR C 18 15.80 -39.64 9.91
N VAL C 19 17.02 -40.08 10.18
CA VAL C 19 17.27 -41.03 11.27
C VAL C 19 18.01 -40.42 12.46
N ILE C 20 17.38 -40.47 13.63
CA ILE C 20 18.01 -40.05 14.88
C ILE C 20 18.85 -41.21 15.43
N PRO C 21 20.17 -41.00 15.52
CA PRO C 21 21.11 -42.03 15.99
C PRO C 21 20.73 -42.56 17.37
N PRO C 22 20.86 -43.89 17.56
CA PRO C 22 20.44 -44.59 18.78
C PRO C 22 21.37 -44.35 19.97
N GLY C 23 20.86 -44.61 21.17
CA GLY C 23 21.66 -44.51 22.38
C GLY C 23 21.69 -43.12 22.98
N LEU C 24 20.69 -42.32 22.62
CA LEU C 24 20.60 -40.96 23.12
C LEU C 24 19.48 -40.84 24.16
N THR C 25 19.66 -39.93 25.10
CA THR C 25 18.61 -39.63 26.07
C THR C 25 17.50 -38.88 25.35
N ARG C 26 16.45 -38.54 26.06
CA ARG C 26 15.32 -37.86 25.44
C ARG C 26 15.60 -36.39 25.15
N GLU C 27 16.30 -35.73 26.03
CA GLU C 27 16.77 -34.39 25.77
C GLU C 27 17.73 -34.33 24.61
N GLN C 28 18.69 -35.20 24.57
CA GLN C 28 19.65 -35.26 23.47
C GLN C 28 18.95 -35.57 22.16
N GLU C 29 17.80 -36.21 22.21
CA GLU C 29 17.09 -36.62 21.01
C GLU C 29 16.26 -35.53 20.45
N ARG C 30 15.83 -34.66 21.32
CA ARG C 30 15.17 -33.45 20.84
C ARG C 30 16.19 -32.43 20.36
N ALA C 31 17.36 -32.42 21.00
CA ALA C 31 18.44 -31.51 20.62
C ALA C 31 19.03 -31.87 19.27
N TYR C 32 19.27 -33.16 19.06
CA TYR C 32 19.82 -33.66 17.80
C TYR C 32 19.00 -33.15 16.61
N ILE C 33 17.68 -33.37 16.65
CA ILE C 33 16.81 -32.97 15.55
C ILE C 33 16.75 -31.45 15.39
N VAL C 34 16.64 -30.73 16.50
CA VAL C 34 16.61 -29.28 16.43
C VAL C 34 17.91 -28.73 15.86
N GLN C 35 19.02 -29.39 16.19
CA GLN C 35 20.32 -28.96 15.69
C GLN C 35 20.47 -29.27 14.21
N LEU C 36 19.92 -30.41 13.79
CA LEU C 36 20.00 -30.82 12.39
C LEU C 36 19.17 -29.92 11.50
N GLN C 37 18.09 -29.38 12.07
CA GLN C 37 17.20 -28.51 11.31
C GLN C 37 17.79 -27.10 11.18
N ILE C 38 18.54 -26.68 12.19
CA ILE C 38 19.24 -25.39 12.15
C ILE C 38 20.27 -25.42 11.04
N GLU C 39 20.96 -26.54 10.90
CA GLU C 39 21.95 -26.72 9.85
C GLU C 39 21.29 -26.75 8.48
N ASP C 40 20.07 -27.28 8.42
CA ASP C 40 19.35 -27.37 7.16
C ASP C 40 18.90 -25.98 6.69
N LEU C 41 18.33 -25.21 7.61
CA LEU C 41 17.87 -23.85 7.31
C LEU C 41 19.05 -22.98 6.90
N THR C 42 20.14 -23.07 7.66
CA THR C 42 21.32 -22.30 7.36
C THR C 42 21.82 -22.67 5.97
N ARG C 43 21.87 -23.97 5.70
CA ARG C 43 22.28 -24.46 4.39
C ARG C 43 21.49 -23.81 3.26
N LYS C 44 20.18 -23.70 3.45
CA LYS C 44 19.30 -23.16 2.41
C LYS C 44 19.46 -21.65 2.26
N LEU C 45 19.80 -20.97 3.35
CA LEU C 45 19.96 -19.52 3.32
C LEU C 45 21.24 -19.12 2.60
N ARG C 46 22.26 -19.97 2.69
CA ARG C 46 23.56 -19.67 2.11
C ARG C 46 23.76 -20.29 0.73
N THR C 47 22.80 -21.07 0.27
CA THR C 47 22.93 -21.76 -1.01
C THR C 47 21.60 -21.87 -1.76
N GLY C 48 21.64 -21.58 -3.06
CA GLY C 48 20.48 -21.75 -3.91
C GLY C 48 19.57 -20.54 -3.95
N ASP C 49 18.66 -20.51 -4.92
CA ASP C 49 17.73 -19.41 -5.09
C ASP C 49 16.42 -19.71 -4.50
N LEU C 50 16.07 -19.01 -3.44
CA LEU C 50 14.83 -19.28 -2.73
C LEU C 50 13.62 -18.78 -3.47
N GLY C 51 13.87 -18.02 -4.51
CA GLY C 51 12.81 -17.56 -5.39
C GLY C 51 12.17 -18.71 -6.12
N ILE C 52 12.96 -19.75 -6.40
CA ILE C 52 12.46 -20.96 -7.03
C ILE C 52 11.39 -21.60 -6.16
N PRO C 53 10.21 -21.84 -6.74
CA PRO C 53 9.04 -22.42 -6.06
C PRO C 53 9.42 -23.57 -5.14
N SER C 62 0.28 -17.24 -3.33
CA SER C 62 1.04 -16.06 -3.71
C SER C 62 0.29 -14.78 -3.34
N PRO C 63 -0.21 -14.75 -2.13
CA PRO C 63 -1.08 -13.66 -1.68
C PRO C 63 -0.34 -12.35 -1.43
N GLU C 64 -1.03 -11.23 -1.62
CA GLU C 64 -0.95 -10.41 -2.83
C GLU C 64 0.23 -9.45 -2.87
N PRO C 65 0.44 -8.85 -4.02
CA PRO C 65 1.69 -8.20 -4.43
C PRO C 65 1.96 -6.92 -3.68
N ILE C 66 3.21 -6.53 -3.54
CA ILE C 66 3.56 -5.35 -2.77
C ILE C 66 4.66 -4.57 -3.46
N TYR C 67 4.43 -3.28 -3.68
CA TYR C 67 5.31 -2.46 -4.51
C TYR C 67 5.87 -1.25 -3.77
N ASN C 68 7.03 -0.80 -4.22
CA ASN C 68 7.71 0.37 -3.64
C ASN C 68 9.03 0.61 -4.36
N SER C 69 9.63 1.77 -4.12
CA SER C 69 10.92 2.12 -4.72
C SER C 69 10.88 2.04 -6.24
N GLU C 70 10.17 2.98 -6.87
CA GLU C 70 10.06 3.09 -8.32
C GLU C 70 8.98 2.17 -8.90
N GLY C 71 8.36 1.38 -8.03
CA GLY C 71 7.38 0.40 -8.47
C GLY C 71 7.93 -1.01 -8.39
N LYS C 72 9.16 -1.13 -7.91
CA LYS C 72 9.76 -2.43 -7.67
C LYS C 72 8.94 -3.21 -6.65
N ARG C 73 8.89 -4.52 -6.82
CA ARG C 73 8.03 -5.33 -5.99
C ARG C 73 8.81 -6.00 -4.88
N LEU C 74 8.55 -5.58 -3.66
CA LEU C 74 9.21 -6.07 -2.47
C LEU C 74 8.96 -7.51 -2.05
N ASN C 75 7.72 -7.95 -2.12
CA ASN C 75 7.31 -9.20 -1.52
C ASN C 75 7.23 -10.38 -2.44
N THR C 76 8.17 -10.51 -3.33
CA THR C 76 8.17 -11.63 -4.27
C THR C 76 8.63 -12.91 -3.59
N ARG C 77 8.65 -14.00 -4.35
CA ARG C 77 8.87 -15.33 -3.80
C ARG C 77 10.16 -15.42 -3.00
N GLU C 78 11.25 -14.95 -3.60
CA GLU C 78 12.57 -15.02 -2.98
C GLU C 78 12.59 -14.33 -1.63
N PHE C 79 11.97 -13.19 -1.55
CA PHE C 79 12.03 -12.35 -0.38
C PHE C 79 11.27 -12.93 0.79
N ARG C 80 10.20 -13.64 0.50
CA ARG C 80 9.32 -14.12 1.50
C ARG C 80 9.81 -15.41 2.04
N THR C 81 10.29 -16.28 1.17
CA THR C 81 10.88 -17.55 1.56
C THR C 81 12.09 -17.34 2.45
N ARG C 82 12.99 -16.44 2.01
CA ARG C 82 14.20 -16.16 2.77
C ARG C 82 13.89 -15.59 4.15
N LYS C 83 12.89 -14.73 4.22
CA LYS C 83 12.49 -14.17 5.48
C LYS C 83 11.73 -15.15 6.32
N LYS C 84 11.11 -16.11 5.70
CA LYS C 84 10.41 -17.18 6.40
C LYS C 84 11.39 -18.12 7.10
N LEU C 85 12.44 -18.51 6.38
CA LEU C 85 13.42 -19.44 6.91
C LEU C 85 14.27 -18.79 8.00
N GLU C 86 14.62 -17.52 7.81
CA GLU C 86 15.38 -16.78 8.83
C GLU C 86 14.64 -16.74 10.15
N GLU C 87 13.35 -16.45 10.11
CA GLU C 87 12.53 -16.40 11.31
C GLU C 87 12.40 -17.78 11.92
N GLU C 88 12.43 -18.80 11.08
CA GLU C 88 12.35 -20.18 11.55
C GLU C 88 13.68 -20.60 12.15
N ARG C 89 14.77 -20.20 11.50
CA ARG C 89 16.11 -20.46 12.03
C ARG C 89 16.28 -19.80 13.39
N HIS C 90 15.92 -18.52 13.46
CA HIS C 90 15.99 -17.78 14.72
C HIS C 90 15.20 -18.47 15.83
N ASN C 91 13.96 -18.84 15.53
CA ASN C 91 13.11 -19.52 16.51
C ASN C 91 13.65 -20.87 16.95
N LEU C 92 14.33 -21.56 16.04
CA LEU C 92 14.94 -22.85 16.35
C LEU C 92 16.11 -22.65 17.30
N ILE C 93 16.92 -21.64 17.03
CA ILE C 93 18.04 -21.33 17.89
C ILE C 93 17.55 -21.01 19.29
N THR C 94 16.41 -20.33 19.37
CA THR C 94 15.80 -20.03 20.66
C THR C 94 15.36 -21.30 21.37
N GLU C 95 14.68 -22.18 20.63
CA GLU C 95 14.23 -23.45 21.20
C GLU C 95 15.42 -24.27 21.70
N MET C 96 16.55 -24.16 21.02
CA MET C 96 17.75 -24.90 21.40
C MET C 96 18.31 -24.40 22.73
N VAL C 97 18.29 -23.09 22.92
CA VAL C 97 18.78 -22.49 24.16
C VAL C 97 17.97 -22.99 25.34
N ALA C 98 16.64 -22.94 25.22
CA ALA C 98 15.76 -23.45 26.26
C ALA C 98 16.00 -24.93 26.46
N LEU C 99 16.31 -25.63 25.37
CA LEU C 99 16.58 -27.07 25.42
C LEU C 99 17.98 -27.38 25.95
N ASN C 100 18.99 -26.68 25.45
CA ASN C 100 20.38 -26.95 25.80
C ASN C 100 21.14 -25.70 26.27
N PRO C 101 21.12 -25.44 27.59
CA PRO C 101 21.82 -24.29 28.17
C PRO C 101 23.32 -24.30 27.88
N ASP C 102 23.86 -25.46 27.52
CA ASP C 102 25.28 -25.58 27.18
C ASP C 102 25.54 -25.17 25.74
N PHE C 103 24.46 -24.91 25.01
CA PHE C 103 24.57 -24.53 23.61
C PHE C 103 24.91 -23.06 23.46
N LYS C 104 25.78 -22.75 22.51
CA LYS C 104 26.18 -21.37 22.24
C LYS C 104 25.61 -20.94 20.91
N PRO C 105 24.63 -20.01 20.94
CA PRO C 105 23.98 -19.51 19.73
C PRO C 105 24.98 -18.88 18.76
N PRO C 106 24.64 -18.84 17.47
CA PRO C 106 25.50 -18.26 16.44
C PRO C 106 25.74 -16.77 16.69
N ALA C 107 26.81 -16.24 16.08
CA ALA C 107 27.18 -14.84 16.27
C ALA C 107 26.08 -13.88 15.81
N ASP C 108 25.38 -14.21 14.76
CA ASP C 108 24.37 -13.34 14.21
C ASP C 108 23.08 -13.38 14.97
N TYR C 109 23.00 -14.32 15.86
CA TYR C 109 21.79 -14.48 16.65
C TYR C 109 21.50 -13.25 17.52
N LYS C 110 20.23 -12.84 17.55
CA LYS C 110 19.82 -11.67 18.31
C LYS C 110 18.57 -11.96 19.14
N PRO C 111 18.78 -12.41 20.39
CA PRO C 111 17.68 -12.80 21.30
C PRO C 111 16.58 -11.72 21.36
N SER D 5 -13.82 15.80 20.30
CA SER D 5 -13.09 16.17 21.50
C SER D 5 -11.83 16.94 21.16
N THR D 6 -11.71 18.13 21.70
CA THR D 6 -10.53 18.94 21.52
C THR D 6 -9.48 18.27 22.35
N MET D 7 -8.25 18.35 21.96
CA MET D 7 -7.23 17.73 22.76
C MET D 7 -6.89 18.60 23.96
N GLU D 8 -7.75 19.57 24.26
CA GLU D 8 -7.42 20.53 25.30
C GLU D 8 -8.20 19.88 26.42
N GLN D 9 -9.32 19.30 26.04
CA GLN D 9 -10.22 18.58 26.92
C GLN D 9 -9.61 17.30 27.48
N LYS D 10 -8.87 16.58 26.65
CA LYS D 10 -8.22 15.34 27.02
C LYS D 10 -7.27 15.59 28.19
N THR D 11 -6.36 16.54 27.99
CA THR D 11 -5.34 16.84 28.98
C THR D 11 -5.88 17.57 30.20
N VAL D 12 -7.14 17.94 30.17
CA VAL D 12 -7.73 18.60 31.30
C VAL D 12 -7.53 17.77 32.55
N ILE D 13 -7.82 16.48 32.45
CA ILE D 13 -7.52 15.56 33.53
C ILE D 13 -6.05 15.15 33.42
N PRO D 14 -5.24 15.59 34.38
CA PRO D 14 -3.78 15.36 34.37
C PRO D 14 -3.45 13.88 34.52
N GLY D 15 -2.23 13.51 34.17
CA GLY D 15 -1.77 12.14 34.38
C GLY D 15 -1.99 11.75 35.83
N MET D 16 -2.51 10.54 36.03
CA MET D 16 -2.86 10.10 37.38
C MET D 16 -2.02 8.92 37.82
N PRO D 17 -1.71 8.86 39.12
CA PRO D 17 -1.07 7.68 39.71
C PRO D 17 -2.02 6.50 39.63
N THR D 18 -1.49 5.30 39.54
CA THR D 18 -2.35 4.12 39.47
C THR D 18 -2.59 3.60 40.88
N VAL D 19 -3.81 3.75 41.36
CA VAL D 19 -4.16 3.31 42.70
C VAL D 19 -4.70 1.90 42.65
N ILE D 20 -3.95 0.96 43.20
CA ILE D 20 -4.34 -0.43 43.19
C ILE D 20 -5.21 -0.76 44.39
N PRO D 21 -6.38 -1.36 44.14
CA PRO D 21 -7.33 -1.72 45.20
C PRO D 21 -6.71 -2.63 46.24
N PRO D 22 -6.88 -2.30 47.53
CA PRO D 22 -6.31 -3.07 48.64
C PRO D 22 -6.94 -4.45 48.75
N GLY D 23 -6.22 -5.39 49.37
CA GLY D 23 -6.70 -6.74 49.54
C GLY D 23 -6.18 -7.67 48.46
N LEU D 24 -5.74 -7.09 47.34
CA LEU D 24 -5.28 -7.89 46.21
C LEU D 24 -4.00 -8.67 46.48
N THR D 25 -3.98 -9.91 46.00
CA THR D 25 -2.79 -10.74 46.07
C THR D 25 -1.72 -10.25 45.09
N ARG D 26 -0.46 -10.56 45.35
CA ARG D 26 0.63 -10.15 44.47
C ARG D 26 0.36 -10.48 43.01
N GLU D 27 -0.17 -11.68 42.77
CA GLU D 27 -0.51 -12.09 41.42
C GLU D 27 -1.72 -11.31 40.90
N GLN D 28 -2.61 -10.94 41.81
CA GLN D 28 -3.83 -10.23 41.44
C GLN D 28 -3.53 -8.76 41.14
N GLU D 29 -2.54 -8.21 41.84
CA GLU D 29 -2.10 -6.85 41.59
C GLU D 29 -1.56 -6.72 40.18
N ARG D 30 -0.67 -7.64 39.82
CA ARG D 30 -0.07 -7.64 38.50
C ARG D 30 -1.14 -7.83 37.43
N ALA D 31 -2.13 -8.67 37.75
CA ALA D 31 -3.25 -8.92 36.83
C ALA D 31 -4.12 -7.67 36.66
N TYR D 32 -4.34 -6.96 37.76
CA TYR D 32 -5.11 -5.72 37.73
C TYR D 32 -4.49 -4.70 36.79
N ILE D 33 -3.17 -4.52 36.91
CA ILE D 33 -2.45 -3.58 36.05
C ILE D 33 -2.59 -3.96 34.58
N VAL D 34 -2.34 -5.23 34.28
CA VAL D 34 -2.40 -5.72 32.91
C VAL D 34 -3.78 -5.48 32.31
N GLN D 35 -4.82 -5.64 33.14
CA GLN D 35 -6.19 -5.45 32.69
C GLN D 35 -6.45 -3.99 32.31
N LEU D 36 -5.88 -3.08 33.11
CA LEU D 36 -5.99 -1.66 32.81
C LEU D 36 -5.31 -1.33 31.50
N GLN D 37 -4.14 -1.92 31.28
CA GLN D 37 -3.38 -1.68 30.07
C GLN D 37 -4.10 -2.26 28.85
N ILE D 38 -4.61 -3.48 29.00
CA ILE D 38 -5.40 -4.10 27.94
C ILE D 38 -6.59 -3.22 27.56
N GLU D 39 -7.28 -2.71 28.57
CA GLU D 39 -8.45 -1.85 28.35
C GLU D 39 -8.07 -0.48 27.80
N ASP D 40 -6.83 -0.07 28.05
CA ASP D 40 -6.32 1.17 27.48
C ASP D 40 -6.15 1.04 25.97
N LEU D 41 -5.48 -0.03 25.56
CA LEU D 41 -5.22 -0.29 24.15
C LEU D 41 -6.52 -0.54 23.40
N THR D 42 -7.42 -1.28 24.01
CA THR D 42 -8.73 -1.53 23.41
C THR D 42 -9.47 -0.22 23.17
N ARG D 43 -9.45 0.66 24.16
CA ARG D 43 -10.09 1.96 24.05
C ARG D 43 -9.51 2.77 22.89
N LYS D 44 -8.18 2.78 22.76
CA LYS D 44 -7.51 3.47 21.67
C LYS D 44 -7.94 2.91 20.31
N LEU D 45 -7.82 1.60 20.15
CA LEU D 45 -8.15 0.94 18.91
C LEU D 45 -9.60 1.16 18.48
N ARG D 46 -10.52 0.80 19.38
CA ARG D 46 -11.95 0.88 19.08
C ARG D 46 -12.40 2.30 18.72
N THR D 47 -11.85 3.29 19.41
CA THR D 47 -12.25 4.67 19.18
C THR D 47 -11.53 5.26 17.97
N GLY D 48 -10.47 4.61 17.53
CA GLY D 48 -9.70 5.07 16.38
C GLY D 48 -8.77 6.22 16.70
N ASP D 49 -8.71 6.61 17.96
CA ASP D 49 -7.83 7.66 18.42
C ASP D 49 -6.52 7.14 19.00
N LEU D 50 -5.53 6.92 18.15
CA LEU D 50 -4.24 6.45 18.61
C LEU D 50 -3.36 7.55 19.14
N GLY D 51 -2.23 7.17 19.68
CA GLY D 51 -1.38 8.09 20.42
C GLY D 51 -1.08 9.36 19.64
N ILE D 52 -0.84 9.20 18.34
CA ILE D 52 -0.53 10.33 17.47
C ILE D 52 0.73 10.09 16.67
N GLU D 64 10.70 4.92 3.93
CA GLU D 64 10.48 3.62 3.32
C GLU D 64 8.99 3.30 3.21
N PRO D 65 8.31 3.97 2.28
CA PRO D 65 6.88 3.78 2.01
C PRO D 65 6.60 2.52 1.19
N ILE D 66 5.35 2.06 1.21
CA ILE D 66 4.98 0.88 0.49
C ILE D 66 3.58 0.93 -0.03
N TYR D 67 3.37 0.28 -1.17
CA TYR D 67 2.15 0.47 -1.89
C TYR D 67 1.58 -0.78 -2.42
N ASN D 68 0.31 -0.74 -2.84
CA ASN D 68 -0.31 -1.85 -3.57
C ASN D 68 -0.37 -1.58 -5.07
N SER D 69 -1.08 -2.45 -5.79
CA SER D 69 -1.13 -2.39 -7.25
C SER D 69 -1.59 -1.03 -7.79
N GLU D 70 -2.27 -0.26 -6.95
CA GLU D 70 -2.67 1.10 -7.32
C GLU D 70 -1.75 2.13 -6.66
N ARG D 73 -0.20 3.53 -0.79
CA ARG D 73 0.72 3.36 0.33
C ARG D 73 0.09 2.54 1.44
N LEU D 74 0.46 1.27 1.53
CA LEU D 74 -0.10 0.36 2.53
C LEU D 74 0.20 0.64 4.01
N ASN D 75 1.45 0.98 4.33
CA ASN D 75 1.81 1.19 5.73
C ASN D 75 1.84 2.65 6.13
N THR D 76 0.74 3.14 6.67
CA THR D 76 0.63 4.55 7.03
C THR D 76 0.89 4.72 8.52
N ARG D 77 0.84 5.95 9.00
CA ARG D 77 0.97 6.21 10.42
C ARG D 77 -0.14 5.49 11.17
N GLU D 78 -1.35 5.62 10.65
CA GLU D 78 -2.51 4.94 11.21
C GLU D 78 -2.31 3.43 11.22
N PHE D 79 -1.71 2.90 10.16
CA PHE D 79 -1.51 1.46 10.03
C PHE D 79 -0.41 0.92 10.95
N ARG D 80 0.76 1.56 10.92
CA ARG D 80 1.89 1.10 11.70
C ARG D 80 1.59 1.12 13.20
N THR D 81 1.21 2.29 13.70
CA THR D 81 0.88 2.45 15.11
C THR D 81 -0.18 1.44 15.52
N ARG D 82 -1.24 1.36 14.72
CA ARG D 82 -2.35 0.44 15.02
C ARG D 82 -1.86 -1.00 15.09
N LYS D 83 -0.97 -1.37 14.17
CA LYS D 83 -0.40 -2.71 14.17
C LYS D 83 0.43 -2.91 15.42
N LYS D 84 1.08 -1.83 15.86
CA LYS D 84 1.91 -1.88 17.06
C LYS D 84 1.06 -2.15 18.29
N LEU D 85 0.02 -1.33 18.48
CA LEU D 85 -0.86 -1.48 19.63
C LEU D 85 -1.59 -2.81 19.62
N GLU D 86 -1.81 -3.32 18.44
CA GLU D 86 -2.53 -4.53 18.29
C GLU D 86 -1.74 -5.71 18.76
N GLU D 87 -0.46 -5.73 18.47
CA GLU D 87 0.43 -6.78 18.93
C GLU D 87 0.74 -6.60 20.41
N GLU D 88 0.71 -5.38 20.87
CA GLU D 88 0.97 -5.09 22.24
C GLU D 88 -0.15 -5.51 23.11
N ARG D 89 -1.36 -5.41 22.61
CA ARG D 89 -2.55 -5.89 23.29
C ARG D 89 -2.60 -7.41 23.32
N HIS D 90 -2.17 -8.03 22.22
CA HIS D 90 -2.13 -9.49 22.14
C HIS D 90 -1.17 -10.07 23.18
N ASN D 91 0.04 -9.53 23.23
CA ASN D 91 1.05 -9.99 24.17
C ASN D 91 0.58 -9.82 25.61
N LEU D 92 -0.08 -8.71 25.88
CA LEU D 92 -0.60 -8.43 27.22
C LEU D 92 -1.67 -9.45 27.61
N ILE D 93 -2.56 -9.77 26.67
CA ILE D 93 -3.59 -10.78 26.92
C ILE D 93 -2.94 -12.11 27.25
N THR D 94 -1.85 -12.45 26.57
CA THR D 94 -1.11 -13.68 26.82
C THR D 94 -0.64 -13.78 28.28
N GLU D 95 -0.13 -12.70 28.84
CA GLU D 95 0.23 -12.67 30.23
C GLU D 95 -0.97 -12.74 31.13
N MET D 96 -2.03 -12.01 30.83
CA MET D 96 -3.24 -12.08 31.63
C MET D 96 -3.68 -13.52 31.82
N VAL D 97 -3.62 -14.30 30.76
CA VAL D 97 -4.00 -15.68 30.80
C VAL D 97 -3.14 -16.46 31.77
N ALA D 98 -1.85 -16.20 31.73
CA ALA D 98 -0.92 -16.84 32.65
C ALA D 98 -1.15 -16.42 34.08
N LEU D 99 -1.33 -15.13 34.27
CA LEU D 99 -1.59 -14.49 35.55
C LEU D 99 -2.93 -14.79 36.22
N ASN D 100 -3.98 -14.87 35.43
CA ASN D 100 -5.33 -14.96 35.96
C ASN D 100 -6.08 -16.21 35.55
N PRO D 101 -6.35 -17.06 36.52
CA PRO D 101 -7.12 -18.29 36.34
C PRO D 101 -8.58 -18.04 35.97
N ASP D 102 -9.11 -16.90 36.41
CA ASP D 102 -10.52 -16.60 36.20
C ASP D 102 -10.73 -15.81 34.91
N PHE D 103 -9.64 -15.61 34.17
CA PHE D 103 -9.69 -14.81 32.94
C PHE D 103 -9.95 -15.67 31.71
N LYS D 104 -10.93 -15.26 30.91
CA LYS D 104 -11.19 -15.90 29.63
C LYS D 104 -10.89 -14.93 28.49
N PRO D 105 -9.93 -15.30 27.63
CA PRO D 105 -9.56 -14.53 26.44
C PRO D 105 -10.74 -14.39 25.48
N PRO D 106 -10.78 -13.32 24.73
CA PRO D 106 -11.83 -13.15 23.74
C PRO D 106 -11.75 -14.12 22.57
N ALA D 107 -12.76 -14.03 21.71
CA ALA D 107 -12.79 -14.98 20.59
C ALA D 107 -11.79 -14.59 19.51
N ASP D 108 -11.32 -13.35 19.57
CA ASP D 108 -10.39 -12.83 18.57
C ASP D 108 -8.94 -13.12 18.96
N TYR D 109 -8.75 -13.75 20.11
CA TYR D 109 -7.40 -14.05 20.60
C TYR D 109 -6.89 -15.38 20.05
N LYS D 110 -5.66 -15.36 19.54
CA LYS D 110 -5.04 -16.56 18.97
C LYS D 110 -3.68 -16.82 19.61
N PRO D 111 -3.65 -17.64 20.68
CA PRO D 111 -2.42 -18.00 21.39
C PRO D 111 -1.47 -18.78 20.48
N PRO D 112 -0.21 -18.94 20.91
CA PRO D 112 0.82 -19.48 20.01
C PRO D 112 0.77 -20.99 19.85
N1 IMD E . -1.23 31.00 -34.11
C2 IMD E . -0.46 30.49 -35.11
N3 IMD E . -0.58 31.29 -36.19
C4 IMD E . -1.42 32.30 -35.89
C5 IMD E . -1.83 32.12 -34.57
C1 MLI F . 0.15 17.28 -21.20
C2 MLI F . 0.00 18.70 -20.77
C3 MLI F . -1.02 16.38 -20.99
O6 MLI F . -0.49 19.54 -21.58
O7 MLI F . 0.34 19.05 -19.61
O8 MLI F . -0.84 15.20 -20.58
O9 MLI F . -2.18 16.80 -21.22
N1 IMD G . -13.43 13.56 -22.04
C2 IMD G . -13.07 14.29 -20.95
N3 IMD G . -12.10 13.62 -20.28
C4 IMD G . -11.84 12.48 -20.96
C5 IMD G . -12.68 12.44 -22.06
N1 IMD H . -9.86 26.10 -39.55
C2 IMD H . -9.54 26.26 -38.25
N3 IMD H . -10.68 26.24 -37.52
C4 IMD H . -11.72 26.06 -38.36
C5 IMD H . -11.20 25.97 -39.65
N1 IMD I . 16.17 -44.27 25.05
C2 IMD I . 15.47 -43.24 24.53
N3 IMD I . 15.52 -43.32 23.18
C4 IMD I . 16.25 -44.41 22.85
C5 IMD I . 16.66 -45.00 24.03
N1 IMD J . 27.70 -40.79 25.16
C2 IMD J . 26.49 -41.38 25.13
N3 IMD J . 26.55 -42.49 24.38
C4 IMD J . 27.80 -42.62 23.91
C5 IMD J . 28.54 -41.54 24.41
C1 MLI K . 18.34 -31.64 6.94
C2 MLI K . 17.46 -32.68 6.35
C3 MLI K . 19.66 -32.07 7.49
O6 MLI K . 16.51 -33.17 7.03
O7 MLI K . 17.65 -33.08 5.17
O8 MLI K . 20.56 -31.22 7.72
O9 MLI K . 19.85 -33.29 7.75
N1 IMD L . -3.46 2.43 32.26
C2 IMD L . -4.27 3.34 32.85
N3 IMD L . -4.19 3.18 34.20
C4 IMD L . -3.33 2.17 34.45
C5 IMD L . -2.87 1.69 33.22
N1 IMD M . 3.26 -10.33 33.71
C2 IMD M . 3.44 -11.08 34.82
N3 IMD M . 4.03 -10.32 35.77
C4 IMD M . 4.23 -9.09 35.26
C5 IMD M . 3.74 -9.10 33.95
N1 IMD N . -16.42 19.56 29.34
C2 IMD N . -16.82 20.13 28.18
N3 IMD N . -15.87 20.97 27.75
C4 IMD N . -14.84 20.95 28.64
C5 IMD N . -15.19 20.05 29.65
#